data_4XEY
#
_entry.id   4XEY
#
_cell.length_a   114.118
_cell.length_b   125.449
_cell.length_c   56.232
_cell.angle_alpha   90.00
_cell.angle_beta   90.00
_cell.angle_gamma   90.00
#
_symmetry.space_group_name_H-M   'P 21 21 2'
#
loop_
_entity.id
_entity.type
_entity.pdbx_description
1 polymer 'Tyrosine-protein kinase ABL1'
2 non-polymer N-(2-CHLORO-6-METHYLPHENYL)-2-({6-[4-(2-HYDROXYETHYL)PIPERAZIN-1-YL]-2-METHYLPYRIMIDIN-4-YL}AMINO)-1,3-THIAZOLE-5-CARBOXAMIDE
#
_entity_poly.entity_id   1
_entity_poly.type   'polypeptide(L)'
_entity_poly.pdbx_seq_one_letter_code
;MASVNSLEKHSWYHGPVSRNAAEYLLSSGINGSFLVRESESSPGQRSISLRYEGRVYHYRINTASDGKLYVSSESRFNTL
AELVHHHSTVADGLITTLHYPAPKRNKPTVYGVSPNYDKWEMERTDITMKHKLGGGQYGEVYEGVWKKYSLTVAVKTLKE
DTMEVEEFLKEAAVMKEIKHPNLVQLLGVCTREPPFYIITEFMTYGNLLDYLRECNRQEVNAVVLLYMATQISSAMEYLE
KKNFIHRDLAARNCLVGENHLVKVADFGLSRLMTGDTYTAHAGAKFPIKWTAPESLAYNKFSIKSDVWAFGVLLWEIATY
GMSPYPGIDLSQVYELLEKDYRMERPEGCPEKVYELMRACWQWNPSDRPSFAEIHQAFETMFQESSISDEVEKELGKQGV
LEHHHHHH
;
_entity_poly.pdbx_strand_id   B,A
#
# COMPACT_ATOMS: atom_id res chain seq x y z
N LEU A 7 22.13 2.68 29.59
CA LEU A 7 21.69 1.52 28.83
C LEU A 7 21.03 1.93 27.52
N GLU A 8 21.82 1.97 26.44
CA GLU A 8 21.29 2.26 25.11
C GLU A 8 20.80 0.98 24.46
N LYS A 9 19.62 1.01 23.85
CA LYS A 9 19.05 -0.21 23.29
C LYS A 9 18.33 -0.02 21.94
N HIS A 10 19.01 -0.38 20.87
CA HIS A 10 18.43 -0.46 19.54
C HIS A 10 17.46 -1.64 19.50
N SER A 11 16.61 -1.68 18.48
CA SER A 11 15.61 -2.73 18.28
C SER A 11 16.07 -4.13 18.71
N TRP A 12 17.34 -4.45 18.45
CA TRP A 12 17.82 -5.82 18.58
C TRP A 12 18.25 -6.24 19.98
N TYR A 13 18.69 -5.29 20.80
CA TYR A 13 19.27 -5.63 22.09
C TYR A 13 18.20 -5.82 23.16
N HIS A 14 18.12 -7.02 23.70
CA HIS A 14 17.06 -7.38 24.65
C HIS A 14 17.56 -7.51 26.09
N GLY A 15 18.84 -7.24 26.30
CA GLY A 15 19.40 -7.32 27.64
C GLY A 15 19.46 -8.72 28.20
N PRO A 16 19.18 -8.87 29.50
CA PRO A 16 19.27 -10.18 30.15
C PRO A 16 18.13 -11.11 29.77
N VAL A 17 18.24 -11.74 28.62
CA VAL A 17 17.31 -12.80 28.25
C VAL A 17 18.10 -14.10 28.19
N SER A 18 17.52 -15.16 28.73
CA SER A 18 18.24 -16.43 28.85
C SER A 18 18.42 -17.08 27.49
N ARG A 19 19.46 -17.92 27.39
CA ARG A 19 19.73 -18.71 26.20
C ARG A 19 18.48 -19.49 25.79
N ASN A 20 17.71 -19.93 26.78
CA ASN A 20 16.43 -20.57 26.54
C ASN A 20 15.43 -19.60 25.92
N ALA A 21 15.19 -18.50 26.63
CA ALA A 21 14.15 -17.56 26.25
C ALA A 21 14.46 -16.85 24.93
N ALA A 22 15.74 -16.85 24.54
CA ALA A 22 16.10 -16.29 23.24
C ALA A 22 15.54 -17.18 22.14
N GLU A 23 15.74 -18.48 22.32
CA GLU A 23 15.16 -19.47 21.42
C GLU A 23 13.64 -19.36 21.41
N TYR A 24 13.07 -19.18 22.60
CA TYR A 24 11.61 -19.13 22.74
C TYR A 24 11.02 -17.92 22.01
N LEU A 25 11.72 -16.79 22.11
CA LEU A 25 11.33 -15.58 21.39
C LEU A 25 11.45 -15.79 19.89
N LEU A 26 12.64 -16.17 19.45
CA LEU A 26 12.93 -16.29 18.03
C LEU A 26 12.11 -17.35 17.31
N SER A 27 11.59 -18.33 18.05
CA SER A 27 10.80 -19.39 17.43
C SER A 27 9.49 -18.87 16.83
N SER A 28 9.29 -17.56 16.89
CA SER A 28 8.13 -16.92 16.28
C SER A 28 8.50 -16.30 14.94
N GLY A 29 9.79 -16.34 14.60
CA GLY A 29 10.29 -15.60 13.45
C GLY A 29 10.61 -16.40 12.21
N ILE A 30 11.31 -15.76 11.28
CA ILE A 30 11.75 -16.39 10.05
C ILE A 30 13.26 -16.26 9.94
N ASN A 31 13.80 -16.57 8.76
CA ASN A 31 15.24 -16.50 8.55
C ASN A 31 15.77 -15.06 8.68
N GLY A 32 16.78 -14.90 9.52
CA GLY A 32 17.38 -13.60 9.74
C GLY A 32 16.88 -12.97 11.02
N SER A 33 15.78 -13.49 11.54
CA SER A 33 15.24 -13.04 12.82
C SER A 33 16.26 -13.25 13.91
N PHE A 34 16.59 -12.19 14.63
CA PHE A 34 17.71 -12.23 15.56
C PHE A 34 17.53 -11.37 16.80
N LEU A 35 18.36 -11.57 17.79
CA LEU A 35 18.39 -10.68 18.91
C LEU A 35 19.75 -10.77 19.54
N VAL A 36 20.09 -9.77 20.33
CA VAL A 36 21.33 -9.79 21.08
C VAL A 36 21.00 -9.82 22.53
N ARG A 37 21.66 -10.70 23.24
CA ARG A 37 21.28 -10.97 24.58
C ARG A 37 22.50 -11.00 25.45
N GLU A 38 22.26 -10.89 26.74
CA GLU A 38 23.26 -11.21 27.74
C GLU A 38 22.72 -12.37 28.56
N SER A 39 23.54 -13.41 28.71
CA SER A 39 23.32 -14.47 29.69
C SER A 39 24.60 -15.26 29.88
N GLU A 40 24.68 -16.05 30.94
CA GLU A 40 25.98 -16.57 31.31
C GLU A 40 26.33 -17.77 30.50
N SER A 41 26.50 -17.54 29.20
CA SER A 41 27.32 -18.47 28.44
C SER A 41 28.75 -18.11 28.82
N SER A 42 28.90 -16.86 29.25
CA SER A 42 30.04 -16.40 30.01
C SER A 42 29.62 -15.16 30.77
N PRO A 43 29.78 -15.17 32.10
CA PRO A 43 29.38 -14.03 32.93
C PRO A 43 30.19 -12.77 32.57
N GLY A 44 29.51 -11.80 32.00
CA GLY A 44 30.13 -10.57 31.55
C GLY A 44 29.91 -10.32 30.08
N GLN A 45 29.95 -11.39 29.29
CA GLN A 45 29.89 -11.29 27.84
C GLN A 45 28.46 -11.25 27.30
N ARG A 46 28.33 -10.79 26.06
CA ARG A 46 27.07 -10.80 25.34
C ARG A 46 27.14 -11.82 24.20
N SER A 47 26.03 -12.05 23.52
CA SER A 47 25.96 -13.03 22.44
C SER A 47 24.74 -12.77 21.55
N ILE A 48 24.81 -13.16 20.30
CA ILE A 48 23.65 -12.99 19.42
C ILE A 48 22.97 -14.32 19.11
N SER A 49 21.65 -14.29 19.08
CA SER A 49 20.86 -15.44 18.67
C SER A 49 20.27 -15.18 17.29
N LEU A 50 20.41 -16.17 16.41
CA LEU A 50 20.06 -16.03 15.01
C LEU A 50 19.23 -17.20 14.52
N ARG A 51 18.18 -16.93 13.75
CA ARG A 51 17.27 -17.98 13.30
C ARG A 51 17.53 -18.40 11.86
N TYR A 52 17.49 -19.70 11.60
CA TYR A 52 17.70 -20.22 10.25
C TYR A 52 17.13 -21.62 10.09
N GLU A 53 16.12 -21.75 9.24
CA GLU A 53 15.50 -23.02 8.88
C GLU A 53 15.14 -23.88 10.10
N GLY A 54 14.38 -23.31 11.03
CA GLY A 54 13.87 -24.06 12.15
C GLY A 54 14.80 -24.24 13.33
N ARG A 55 15.93 -23.55 13.33
CA ARG A 55 16.89 -23.64 14.42
C ARG A 55 17.46 -22.29 14.77
N VAL A 56 17.80 -22.09 16.05
CA VAL A 56 18.38 -20.85 16.52
C VAL A 56 19.85 -21.04 16.84
N TYR A 57 20.71 -20.28 16.17
CA TYR A 57 22.14 -20.42 16.26
C TYR A 57 22.68 -19.38 17.23
N HIS A 58 23.49 -19.82 18.18
CA HIS A 58 23.83 -18.96 19.27
C HIS A 58 25.23 -18.58 19.07
N TYR A 59 25.49 -17.29 19.02
CA TYR A 59 26.84 -16.81 18.81
C TYR A 59 27.31 -15.98 19.95
N ARG A 60 28.50 -16.27 20.41
CA ARG A 60 29.10 -15.51 21.46
C ARG A 60 30.08 -14.62 20.79
N ILE A 61 30.03 -13.36 21.17
CA ILE A 61 30.85 -12.35 20.56
C ILE A 61 32.20 -12.25 21.26
N ASN A 62 33.24 -12.77 20.61
CA ASN A 62 34.55 -12.75 21.23
C ASN A 62 35.27 -11.43 21.00
N THR A 63 35.97 -10.98 22.03
CA THR A 63 36.54 -9.64 22.04
C THR A 63 38.05 -9.62 21.83
N ALA A 64 38.46 -8.94 20.75
CA ALA A 64 39.86 -8.78 20.42
C ALA A 64 40.53 -7.73 21.32
N SER A 65 41.78 -8.00 21.69
CA SER A 65 42.55 -7.22 22.64
C SER A 65 42.61 -5.72 22.39
N ASP A 66 42.19 -5.30 21.20
CA ASP A 66 42.14 -3.89 20.88
C ASP A 66 40.90 -3.27 21.54
N GLY A 67 40.10 -4.12 22.16
CA GLY A 67 38.81 -3.72 22.68
C GLY A 67 37.80 -3.79 21.56
N LYS A 68 38.02 -4.71 20.63
CA LYS A 68 37.14 -4.87 19.47
C LYS A 68 36.27 -6.11 19.65
N LEU A 69 35.24 -6.28 18.81
CA LEU A 69 34.26 -7.34 19.01
C LEU A 69 33.89 -8.02 17.69
N TYR A 70 33.97 -9.35 17.67
CA TYR A 70 33.69 -10.09 16.44
C TYR A 70 33.57 -11.60 16.66
N VAL A 71 33.48 -12.34 15.56
CA VAL A 71 33.58 -13.80 15.60
C VAL A 71 34.60 -14.30 14.57
N SER A 75 37.69 -10.62 11.48
CA SER A 75 36.90 -9.50 10.99
C SER A 75 36.35 -8.68 12.15
N ARG A 76 37.17 -7.77 12.67
CA ARG A 76 36.91 -7.12 13.94
C ARG A 76 36.19 -5.77 13.83
N PHE A 77 35.46 -5.40 14.88
CA PHE A 77 34.70 -4.14 14.90
C PHE A 77 34.67 -3.48 16.28
N ASN A 78 34.54 -2.15 16.29
CA ASN A 78 34.64 -1.36 17.51
C ASN A 78 33.46 -1.54 18.47
N THR A 79 32.26 -1.20 18.01
CA THR A 79 31.08 -1.30 18.86
C THR A 79 30.14 -2.41 18.40
N LEU A 80 29.24 -2.82 19.30
CA LEU A 80 28.29 -3.89 19.02
C LEU A 80 27.44 -3.57 17.79
N ALA A 81 26.90 -2.36 17.77
CA ALA A 81 26.03 -1.90 16.70
C ALA A 81 26.75 -1.92 15.36
N GLU A 82 28.06 -1.69 15.37
CA GLU A 82 28.83 -1.69 14.14
C GLU A 82 28.84 -3.05 13.45
N LEU A 83 29.12 -4.10 14.22
CA LEU A 83 29.18 -5.43 13.64
C LEU A 83 27.79 -6.00 13.42
N VAL A 84 26.80 -5.48 14.16
CA VAL A 84 25.42 -5.84 13.86
C VAL A 84 25.02 -5.27 12.50
N HIS A 85 25.38 -4.01 12.27
CA HIS A 85 25.11 -3.34 11.00
C HIS A 85 25.85 -4.01 9.85
N HIS A 86 27.08 -4.43 10.13
CA HIS A 86 27.90 -5.11 9.12
C HIS A 86 27.31 -6.44 8.76
N HIS A 87 26.90 -7.20 9.78
CA HIS A 87 26.36 -8.52 9.57
C HIS A 87 24.92 -8.48 9.10
N SER A 88 24.35 -7.29 9.08
CA SER A 88 23.04 -7.10 8.48
C SER A 88 23.16 -7.13 6.95
N THR A 89 24.34 -6.83 6.43
CA THR A 89 24.54 -6.85 4.99
C THR A 89 25.30 -8.11 4.55
N VAL A 90 26.22 -8.60 5.39
CA VAL A 90 27.00 -9.79 5.06
C VAL A 90 27.07 -10.75 6.24
N ALA A 91 26.80 -12.03 5.96
CA ALA A 91 26.76 -13.05 7.00
C ALA A 91 28.11 -13.15 7.73
N ASP A 92 29.17 -13.26 6.94
CA ASP A 92 30.55 -13.24 7.44
C ASP A 92 30.77 -14.15 8.66
N GLY A 93 30.65 -15.45 8.45
CA GLY A 93 30.86 -16.40 9.52
C GLY A 93 29.56 -16.99 10.04
N LEU A 94 28.51 -16.18 10.06
CA LEU A 94 27.21 -16.66 10.51
C LEU A 94 26.52 -17.43 9.39
N ILE A 95 25.50 -18.20 9.75
CA ILE A 95 24.80 -18.99 8.75
C ILE A 95 23.85 -18.10 7.94
N THR A 96 23.66 -16.86 8.39
CA THR A 96 22.77 -15.91 7.71
C THR A 96 22.90 -14.48 8.26
N THR A 97 22.64 -13.49 7.40
CA THR A 97 22.56 -12.09 7.80
C THR A 97 21.52 -11.82 8.88
N LEU A 98 21.83 -10.90 9.79
CA LEU A 98 20.87 -10.48 10.82
C LEU A 98 19.89 -9.53 10.17
N HIS A 99 18.74 -10.06 9.74
CA HIS A 99 17.80 -9.32 8.93
C HIS A 99 16.76 -8.58 9.77
N TYR A 100 15.98 -9.33 10.54
CA TYR A 100 14.87 -8.75 11.30
C TYR A 100 15.08 -8.86 12.79
N PRO A 101 15.15 -7.71 13.48
CA PRO A 101 15.28 -7.72 14.95
C PRO A 101 14.02 -8.26 15.64
N ALA A 102 14.22 -9.02 16.72
CA ALA A 102 13.12 -9.64 17.45
C ALA A 102 12.34 -8.62 18.29
N PRO A 103 11.04 -8.85 18.49
CA PRO A 103 10.17 -7.88 19.18
C PRO A 103 10.54 -7.66 20.64
N LYS A 104 10.06 -6.56 21.22
CA LYS A 104 10.45 -6.18 22.57
C LYS A 104 9.30 -5.54 23.33
N TYR A 117 -3.74 -0.41 19.00
CA TYR A 117 -4.93 0.40 18.75
C TYR A 117 -5.86 -0.33 17.79
N ASP A 118 -5.27 -1.14 16.92
CA ASP A 118 -6.04 -1.88 15.93
C ASP A 118 -6.44 -3.25 16.45
N LYS A 119 -7.71 -3.57 16.26
CA LYS A 119 -8.28 -4.85 16.66
C LYS A 119 -7.59 -6.04 15.98
N TRP A 120 -7.18 -5.83 14.73
CA TRP A 120 -6.58 -6.91 13.94
C TRP A 120 -5.13 -7.17 14.31
N GLU A 121 -4.46 -6.16 14.83
CA GLU A 121 -3.07 -6.31 15.26
C GLU A 121 -2.97 -7.33 16.39
N MET A 122 -2.21 -8.40 16.14
CA MET A 122 -1.96 -9.43 17.15
C MET A 122 -0.47 -9.48 17.45
N GLU A 123 -0.14 -9.94 18.64
CA GLU A 123 1.26 -10.09 19.03
C GLU A 123 1.89 -11.11 18.09
N ARG A 124 3.15 -10.91 17.76
CA ARG A 124 3.80 -11.83 16.84
C ARG A 124 4.26 -13.09 17.58
N THR A 125 4.25 -13.00 18.92
CA THR A 125 4.70 -14.09 19.76
C THR A 125 3.79 -15.32 19.73
N ASP A 126 2.47 -15.12 19.68
CA ASP A 126 1.55 -16.27 19.69
C ASP A 126 1.36 -16.88 18.30
N ILE A 127 2.30 -16.59 17.41
CA ILE A 127 2.44 -17.35 16.17
C ILE A 127 3.79 -18.06 16.16
N THR A 128 3.78 -19.37 15.95
CA THR A 128 5.01 -20.08 15.70
C THR A 128 4.98 -20.65 14.28
N MET A 129 6.10 -20.53 13.57
CA MET A 129 6.16 -20.98 12.19
C MET A 129 6.47 -22.46 12.11
N LYS A 130 5.79 -23.16 11.20
CA LYS A 130 6.09 -24.56 10.93
C LYS A 130 6.84 -24.75 9.61
N HIS A 131 6.18 -24.45 8.50
CA HIS A 131 6.70 -24.85 7.19
C HIS A 131 6.60 -23.74 6.15
N LYS A 132 7.67 -23.52 5.39
CA LYS A 132 7.53 -22.62 4.25
C LYS A 132 6.73 -23.36 3.19
N LEU A 133 5.96 -22.63 2.40
CA LEU A 133 5.07 -23.23 1.42
C LEU A 133 5.40 -22.79 0.00
N GLU A 140 8.09 -15.73 1.86
CA GLU A 140 6.80 -15.55 1.20
C GLU A 140 5.65 -16.02 2.08
N VAL A 141 5.30 -17.29 1.97
CA VAL A 141 4.14 -17.80 2.69
C VAL A 141 4.46 -19.04 3.53
N TYR A 142 3.97 -19.03 4.77
CA TYR A 142 4.25 -20.12 5.70
C TYR A 142 2.99 -20.75 6.28
N GLU A 143 3.10 -22.02 6.63
CA GLU A 143 2.17 -22.69 7.51
C GLU A 143 2.68 -22.50 8.93
N GLY A 144 1.86 -21.88 9.78
CA GLY A 144 2.25 -21.61 11.14
C GLY A 144 1.17 -22.05 12.11
N VAL A 145 1.39 -21.81 13.39
CA VAL A 145 0.39 -22.16 14.40
C VAL A 145 0.07 -20.98 15.30
N TRP A 146 -1.19 -20.56 15.30
CA TRP A 146 -1.68 -19.66 16.34
C TRP A 146 -1.83 -20.50 17.59
N LYS A 147 -0.92 -20.28 18.53
CA LYS A 147 -0.76 -21.14 19.71
C LYS A 147 -1.92 -21.03 20.68
N LYS A 148 -2.42 -19.81 20.89
CA LYS A 148 -3.54 -19.58 21.78
C LYS A 148 -4.72 -20.48 21.42
N TYR A 149 -4.98 -20.61 20.13
CA TYR A 149 -6.14 -21.36 19.67
C TYR A 149 -5.77 -22.71 19.11
N SER A 150 -4.49 -23.09 19.24
CA SER A 150 -3.99 -24.34 18.67
C SER A 150 -4.42 -24.50 17.21
N LEU A 151 -4.37 -23.41 16.45
CA LEU A 151 -4.96 -23.40 15.11
C LEU A 151 -3.90 -23.25 14.04
N THR A 152 -3.95 -24.12 13.03
CA THR A 152 -3.04 -23.97 11.90
C THR A 152 -3.47 -22.78 11.07
N VAL A 153 -2.53 -21.89 10.77
CA VAL A 153 -2.82 -20.69 10.02
C VAL A 153 -1.84 -20.49 8.88
N ALA A 154 -2.18 -19.61 7.93
CA ALA A 154 -1.25 -19.26 6.87
C ALA A 154 -0.71 -17.86 7.13
N VAL A 155 0.59 -17.67 6.93
CA VAL A 155 1.23 -16.39 7.23
C VAL A 155 2.02 -15.86 6.05
N LYS A 156 1.57 -14.75 5.48
CA LYS A 156 2.31 -14.11 4.40
C LYS A 156 3.26 -13.07 4.99
N THR A 157 4.45 -12.95 4.41
CA THR A 157 5.45 -12.06 4.96
C THR A 157 6.23 -11.30 3.89
N LEU A 158 7.12 -10.42 4.34
CA LEU A 158 7.85 -9.54 3.43
C LEU A 158 9.32 -9.45 3.82
N THR A 162 11.00 -1.35 0.57
CA THR A 162 10.34 -0.21 1.19
C THR A 162 9.02 0.05 0.48
N MET A 163 9.01 -0.21 -0.83
CA MET A 163 7.85 0.09 -1.65
C MET A 163 6.79 -1.01 -1.60
N GLU A 164 7.22 -2.27 -1.72
CA GLU A 164 6.30 -3.41 -1.59
C GLU A 164 5.56 -3.35 -0.26
N VAL A 165 6.22 -2.76 0.74
CA VAL A 165 5.67 -2.57 2.06
C VAL A 165 4.31 -1.87 1.98
N GLU A 166 4.26 -0.81 1.16
CA GLU A 166 3.02 -0.04 1.00
C GLU A 166 1.87 -0.92 0.53
N GLU A 167 2.05 -1.64 -0.57
CA GLU A 167 0.98 -2.47 -1.12
C GLU A 167 0.60 -3.61 -0.18
N PHE A 168 1.60 -4.12 0.54
CA PHE A 168 1.39 -5.17 1.54
C PHE A 168 0.39 -4.69 2.59
N LEU A 169 0.68 -3.50 3.15
CA LEU A 169 -0.21 -2.87 4.11
C LEU A 169 -1.59 -2.54 3.54
N LYS A 170 -1.60 -2.07 2.29
CA LYS A 170 -2.83 -1.73 1.60
C LYS A 170 -3.74 -2.95 1.54
N GLU A 171 -3.19 -4.07 1.09
CA GLU A 171 -3.93 -5.31 0.99
C GLU A 171 -4.39 -5.81 2.36
N ALA A 172 -3.54 -5.68 3.38
CA ALA A 172 -3.96 -6.03 4.74
C ALA A 172 -5.25 -5.27 5.11
N ALA A 173 -5.15 -3.94 4.97
CA ALA A 173 -6.26 -3.04 5.23
C ALA A 173 -7.52 -3.49 4.49
N VAL A 174 -7.38 -3.79 3.19
CA VAL A 174 -8.49 -4.30 2.40
C VAL A 174 -9.09 -5.55 3.01
N MET A 175 -8.23 -6.51 3.35
CA MET A 175 -8.68 -7.78 3.86
C MET A 175 -9.42 -7.64 5.18
N LYS A 176 -9.15 -6.55 5.90
CA LYS A 176 -9.94 -6.27 7.09
C LYS A 176 -11.41 -6.04 6.76
N GLU A 177 -11.69 -5.45 5.61
CA GLU A 177 -13.07 -5.14 5.22
C GLU A 177 -13.81 -6.35 4.66
N ILE A 178 -13.05 -7.37 4.30
CA ILE A 178 -13.59 -8.54 3.61
C ILE A 178 -14.06 -9.62 4.57
N LYS A 179 -15.28 -10.11 4.36
CA LYS A 179 -15.76 -11.29 5.07
C LYS A 179 -16.80 -12.04 4.24
N HIS A 180 -16.43 -13.24 3.80
CA HIS A 180 -17.29 -14.07 2.96
C HIS A 180 -16.78 -15.50 3.04
N PRO A 181 -17.70 -16.48 3.07
CA PRO A 181 -17.32 -17.89 3.17
C PRO A 181 -16.29 -18.32 2.12
N ASN A 182 -16.43 -17.82 0.90
CA ASN A 182 -15.54 -18.23 -0.18
C ASN A 182 -14.46 -17.20 -0.47
N LEU A 183 -14.10 -16.44 0.55
CA LEU A 183 -12.94 -15.56 0.51
C LEU A 183 -12.05 -15.89 1.70
N VAL A 184 -10.77 -16.07 1.45
CA VAL A 184 -9.82 -16.48 2.49
C VAL A 184 -9.85 -15.50 3.66
N GLN A 185 -10.20 -16.02 4.84
CA GLN A 185 -10.49 -15.18 5.99
C GLN A 185 -9.24 -14.67 6.71
N LEU A 186 -9.16 -13.35 6.84
CA LEU A 186 -8.10 -12.72 7.61
C LEU A 186 -8.33 -12.99 9.09
N LEU A 187 -7.24 -13.28 9.81
CA LEU A 187 -7.32 -13.58 11.23
C LEU A 187 -6.58 -12.52 12.05
N GLY A 188 -5.51 -11.99 11.49
CA GLY A 188 -4.71 -10.99 12.18
C GLY A 188 -3.53 -10.50 11.36
N VAL A 189 -2.84 -9.49 11.87
CA VAL A 189 -1.67 -8.92 11.21
C VAL A 189 -0.57 -8.55 12.19
N CYS A 190 0.63 -8.36 11.67
CA CYS A 190 1.75 -7.86 12.46
C CYS A 190 2.46 -6.74 11.71
N THR A 191 1.93 -5.53 11.80
CA THR A 191 2.44 -4.42 11.00
C THR A 191 3.08 -3.31 11.81
N ARG A 192 3.84 -3.66 12.84
CA ARG A 192 4.47 -2.62 13.63
C ARG A 192 5.99 -2.58 13.45
N GLU A 193 6.58 -3.73 13.12
CA GLU A 193 7.98 -3.78 12.70
C GLU A 193 8.24 -5.03 11.88
N PRO A 194 9.22 -4.96 10.97
CA PRO A 194 9.59 -6.13 10.14
C PRO A 194 10.00 -7.34 10.98
N PRO A 195 9.68 -8.56 10.51
CA PRO A 195 8.95 -8.80 9.25
C PRO A 195 7.45 -8.62 9.41
N PHE A 196 6.81 -8.03 8.41
CA PHE A 196 5.38 -7.79 8.46
C PHE A 196 4.61 -9.07 8.13
N TYR A 197 3.66 -9.42 8.99
CA TYR A 197 2.85 -10.61 8.80
C TYR A 197 1.42 -10.26 8.38
N ILE A 198 0.86 -11.07 7.49
CA ILE A 198 -0.58 -11.14 7.33
C ILE A 198 -0.98 -12.57 7.66
N ILE A 199 -1.83 -12.73 8.66
CA ILE A 199 -2.26 -14.07 9.05
C ILE A 199 -3.68 -14.34 8.57
N THR A 200 -3.86 -15.46 7.87
CA THR A 200 -5.17 -15.90 7.45
C THR A 200 -5.42 -17.33 7.90
N GLU A 201 -6.60 -17.83 7.62
CA GLU A 201 -6.92 -19.24 7.83
C GLU A 201 -6.04 -20.07 6.91
N PHE A 202 -5.86 -21.34 7.23
CA PHE A 202 -5.03 -22.20 6.39
C PHE A 202 -5.88 -23.10 5.51
N MET A 203 -5.77 -22.90 4.19
CA MET A 203 -6.45 -23.77 3.23
C MET A 203 -5.60 -25.01 3.00
N THR A 204 -6.18 -26.17 3.28
CA THR A 204 -5.43 -27.41 3.39
C THR A 204 -4.69 -27.84 2.12
N TYR A 205 -5.38 -27.79 0.98
CA TYR A 205 -4.87 -28.45 -0.22
C TYR A 205 -4.08 -27.55 -1.17
N GLY A 206 -4.00 -26.26 -0.86
CA GLY A 206 -3.29 -25.34 -1.72
C GLY A 206 -4.17 -24.83 -2.85
N ASN A 207 -3.54 -24.43 -3.95
CA ASN A 207 -4.28 -23.77 -5.02
C ASN A 207 -5.13 -24.72 -5.86
N LEU A 208 -6.14 -24.15 -6.51
CA LEU A 208 -7.12 -24.90 -7.29
C LEU A 208 -6.53 -25.52 -8.56
N LEU A 209 -5.51 -24.89 -9.12
CA LEU A 209 -4.89 -25.38 -10.35
C LEU A 209 -4.23 -26.74 -10.13
N ASP A 210 -3.27 -26.78 -9.22
CA ASP A 210 -2.58 -28.00 -8.86
C ASP A 210 -3.56 -29.05 -8.32
N TYR A 211 -4.57 -28.58 -7.61
CA TYR A 211 -5.61 -29.45 -7.07
C TYR A 211 -6.30 -30.20 -8.21
N LEU A 212 -6.80 -29.45 -9.17
CA LEU A 212 -7.47 -29.99 -10.34
C LEU A 212 -6.56 -30.93 -11.12
N ARG A 213 -5.31 -30.52 -11.32
CA ARG A 213 -4.37 -31.34 -12.07
C ARG A 213 -4.08 -32.67 -11.37
N GLU A 214 -4.00 -32.65 -10.05
CA GLU A 214 -3.62 -33.83 -9.29
C GLU A 214 -4.81 -34.65 -8.80
N CYS A 215 -6.02 -34.13 -8.99
CA CYS A 215 -7.21 -34.73 -8.40
C CYS A 215 -7.66 -36.02 -9.05
N ASN A 216 -8.38 -36.82 -8.29
CA ASN A 216 -9.14 -37.94 -8.82
C ASN A 216 -10.42 -37.38 -9.46
N ARG A 217 -10.52 -37.50 -10.77
CA ARG A 217 -11.62 -36.89 -11.51
C ARG A 217 -12.95 -37.63 -11.31
N GLN A 218 -12.87 -38.85 -10.79
CA GLN A 218 -14.09 -39.58 -10.44
C GLN A 218 -14.66 -39.00 -9.16
N GLU A 219 -13.77 -38.52 -8.29
CA GLU A 219 -14.17 -37.81 -7.10
C GLU A 219 -14.54 -36.37 -7.44
N VAL A 220 -13.57 -35.63 -7.96
CA VAL A 220 -13.80 -34.28 -8.45
C VAL A 220 -14.43 -34.37 -9.84
N ASN A 221 -15.73 -34.66 -9.89
CA ASN A 221 -16.43 -34.78 -11.17
C ASN A 221 -17.19 -33.52 -11.57
N ALA A 222 -18.15 -33.69 -12.46
CA ALA A 222 -18.91 -32.60 -13.06
C ALA A 222 -19.64 -31.74 -12.01
N VAL A 223 -20.38 -32.38 -11.12
CA VAL A 223 -21.16 -31.66 -10.12
C VAL A 223 -20.22 -30.92 -9.14
N VAL A 224 -19.01 -31.45 -8.97
CA VAL A 224 -18.04 -30.84 -8.09
C VAL A 224 -17.44 -29.60 -8.75
N LEU A 225 -17.22 -29.69 -10.06
CA LEU A 225 -16.75 -28.54 -10.83
C LEU A 225 -17.80 -27.44 -10.79
N LEU A 226 -19.07 -27.83 -10.94
CA LEU A 226 -20.19 -26.89 -10.81
C LEU A 226 -20.17 -26.23 -9.45
N TYR A 227 -19.95 -27.04 -8.41
CA TYR A 227 -19.93 -26.56 -7.03
C TYR A 227 -18.82 -25.53 -6.81
N MET A 228 -17.64 -25.82 -7.33
CA MET A 228 -16.49 -24.93 -7.24
C MET A 228 -16.75 -23.60 -7.94
N ALA A 229 -17.26 -23.69 -9.17
CA ALA A 229 -17.59 -22.48 -9.93
C ALA A 229 -18.64 -21.63 -9.19
N THR A 230 -19.62 -22.31 -8.61
CA THR A 230 -20.66 -21.64 -7.84
C THR A 230 -20.07 -20.88 -6.66
N GLN A 231 -19.22 -21.55 -5.89
CA GLN A 231 -18.53 -20.92 -4.76
C GLN A 231 -17.77 -19.67 -5.20
N ILE A 232 -16.90 -19.83 -6.20
CA ILE A 232 -16.12 -18.70 -6.69
C ILE A 232 -17.00 -17.53 -7.13
N SER A 233 -18.06 -17.85 -7.86
CA SER A 233 -18.97 -16.81 -8.33
C SER A 233 -19.72 -16.15 -7.17
N SER A 234 -19.86 -16.88 -6.07
CA SER A 234 -20.44 -16.30 -4.86
C SER A 234 -19.50 -15.25 -4.30
N ALA A 235 -18.23 -15.62 -4.16
CA ALA A 235 -17.21 -14.68 -3.70
C ALA A 235 -17.17 -13.43 -4.59
N MET A 236 -17.18 -13.64 -5.90
CA MET A 236 -17.08 -12.55 -6.85
C MET A 236 -18.32 -11.66 -6.88
N GLU A 237 -19.48 -12.25 -6.63
CA GLU A 237 -20.70 -11.46 -6.52
C GLU A 237 -20.60 -10.57 -5.29
N TYR A 238 -20.11 -11.15 -4.20
CA TYR A 238 -19.86 -10.40 -2.98
C TYR A 238 -18.97 -9.19 -3.25
N LEU A 239 -17.83 -9.44 -3.90
CA LEU A 239 -16.91 -8.36 -4.26
C LEU A 239 -17.57 -7.31 -5.15
N GLU A 240 -18.41 -7.77 -6.07
CA GLU A 240 -19.15 -6.90 -6.99
C GLU A 240 -20.02 -5.92 -6.21
N LYS A 241 -20.79 -6.45 -5.26
CA LYS A 241 -21.62 -5.63 -4.38
C LYS A 241 -20.79 -4.62 -3.60
N LYS A 242 -19.63 -5.06 -3.11
CA LYS A 242 -18.83 -4.26 -2.17
C LYS A 242 -17.85 -3.33 -2.87
N ASN A 243 -18.02 -3.16 -4.18
CA ASN A 243 -17.18 -2.27 -4.98
C ASN A 243 -15.68 -2.63 -4.90
N PHE A 244 -15.38 -3.92 -4.96
CA PHE A 244 -14.00 -4.38 -5.05
C PHE A 244 -13.75 -5.01 -6.42
N ILE A 245 -12.48 -5.09 -6.81
CA ILE A 245 -12.08 -5.85 -8.00
C ILE A 245 -10.86 -6.70 -7.66
N HIS A 246 -10.76 -7.87 -8.28
CA HIS A 246 -9.62 -8.73 -8.05
C HIS A 246 -8.64 -8.60 -9.22
N ARG A 247 -7.39 -8.29 -8.92
CA ARG A 247 -6.44 -7.94 -9.98
C ARG A 247 -5.89 -9.15 -10.71
N ASP A 248 -5.84 -10.29 -10.02
CA ASP A 248 -5.37 -11.52 -10.66
C ASP A 248 -6.26 -12.70 -10.29
N LEU A 249 -7.44 -12.76 -10.91
CA LEU A 249 -8.36 -13.85 -10.69
C LEU A 249 -8.00 -15.04 -11.58
N ALA A 250 -7.56 -16.13 -10.95
CA ALA A 250 -7.20 -17.34 -11.68
C ALA A 250 -7.23 -18.53 -10.74
N ALA A 251 -7.14 -19.73 -11.31
CA ALA A 251 -7.19 -20.96 -10.53
C ALA A 251 -6.05 -21.04 -9.52
N ARG A 252 -4.91 -20.44 -9.87
CA ARG A 252 -3.75 -20.42 -9.00
C ARG A 252 -4.02 -19.61 -7.74
N ASN A 253 -4.90 -18.62 -7.86
CA ASN A 253 -5.22 -17.74 -6.75
C ASN A 253 -6.58 -18.08 -6.16
N CYS A 254 -6.98 -19.32 -6.37
CA CYS A 254 -8.08 -19.90 -5.61
C CYS A 254 -7.50 -21.06 -4.79
N LEU A 255 -7.82 -21.10 -3.51
CA LEU A 255 -7.28 -22.12 -2.61
C LEU A 255 -8.37 -23.12 -2.24
N VAL A 256 -7.95 -24.36 -1.97
CA VAL A 256 -8.89 -25.44 -1.72
C VAL A 256 -8.77 -26.00 -0.30
N GLY A 257 -9.90 -26.32 0.31
CA GLY A 257 -9.94 -26.99 1.59
C GLY A 257 -10.70 -28.29 1.43
N GLU A 258 -11.02 -28.93 2.56
CA GLU A 258 -11.75 -30.20 2.52
C GLU A 258 -13.14 -30.05 1.90
N ASN A 259 -13.62 -31.14 1.32
CA ASN A 259 -14.95 -31.20 0.71
C ASN A 259 -15.12 -30.17 -0.38
N HIS A 260 -14.09 -30.02 -1.21
CA HIS A 260 -14.14 -29.19 -2.40
C HIS A 260 -14.50 -27.74 -2.08
N LEU A 261 -14.11 -27.30 -0.89
CA LEU A 261 -14.28 -25.92 -0.48
C LEU A 261 -13.29 -25.04 -1.26
N VAL A 262 -13.78 -24.01 -1.91
CA VAL A 262 -12.92 -23.13 -2.69
C VAL A 262 -13.02 -21.70 -2.19
N LYS A 263 -11.88 -21.03 -2.02
CA LYS A 263 -11.87 -19.63 -1.60
C LYS A 263 -10.94 -18.81 -2.48
N VAL A 264 -11.35 -17.60 -2.84
CA VAL A 264 -10.49 -16.74 -3.64
C VAL A 264 -9.45 -16.08 -2.74
N ALA A 265 -8.20 -16.03 -3.21
CA ALA A 265 -7.14 -15.37 -2.47
C ALA A 265 -7.32 -13.85 -2.47
N ASP A 266 -7.42 -13.25 -1.29
CA ASP A 266 -7.71 -11.84 -1.19
C ASP A 266 -6.47 -10.94 -1.31
N PHE A 267 -5.33 -11.51 -1.63
CA PHE A 267 -4.19 -10.67 -1.98
C PHE A 267 -4.22 -10.48 -3.50
N GLY A 268 -4.72 -9.33 -3.91
CA GLY A 268 -4.95 -9.01 -5.32
C GLY A 268 -6.21 -8.19 -5.42
N LEU A 269 -6.84 -7.95 -4.27
CA LEU A 269 -8.04 -7.15 -4.17
C LEU A 269 -7.69 -5.66 -4.19
N SER A 270 -8.51 -4.88 -4.87
CA SER A 270 -8.41 -3.42 -4.81
C SER A 270 -9.81 -2.85 -4.62
N ARG A 271 -9.91 -1.88 -3.73
CA ARG A 271 -11.20 -1.24 -3.46
C ARG A 271 -11.43 -0.13 -4.48
N LEU A 272 -12.63 -0.09 -5.04
CA LEU A 272 -13.00 1.00 -5.93
C LEU A 272 -13.49 2.17 -5.10
N MET A 273 -12.59 3.10 -4.82
CA MET A 273 -12.90 4.22 -3.93
C MET A 273 -13.93 5.17 -4.55
N THR A 274 -13.85 5.38 -5.85
CA THR A 274 -14.77 6.32 -6.51
C THR A 274 -15.51 5.71 -7.71
N GLY A 275 -14.76 5.38 -8.76
CA GLY A 275 -15.39 4.93 -9.99
C GLY A 275 -15.78 3.47 -10.00
N ASP A 276 -15.86 2.91 -11.20
CA ASP A 276 -16.08 1.47 -11.38
C ASP A 276 -14.84 0.88 -12.05
N THR A 277 -13.78 1.69 -12.09
CA THR A 277 -12.59 1.35 -12.85
C THR A 277 -11.29 1.64 -12.10
N TYR A 278 -10.56 0.57 -11.78
CA TYR A 278 -9.25 0.68 -11.15
C TYR A 278 -8.15 0.73 -12.22
N THR A 279 -7.33 1.77 -12.20
CA THR A 279 -6.21 1.82 -13.14
C THR A 279 -4.96 1.26 -12.48
N ALA A 280 -4.45 0.16 -13.04
CA ALA A 280 -3.24 -0.46 -12.50
C ALA A 280 -2.04 0.45 -12.75
N HIS A 281 -1.03 0.35 -11.89
CA HIS A 281 0.14 1.20 -11.99
C HIS A 281 0.81 1.01 -13.34
N ALA A 282 1.40 2.08 -13.86
CA ALA A 282 2.02 2.08 -15.18
C ALA A 282 3.11 1.02 -15.29
N GLY A 283 3.11 0.30 -16.41
CA GLY A 283 4.10 -0.72 -16.66
C GLY A 283 3.96 -1.93 -15.76
N ALA A 284 2.72 -2.35 -15.53
CA ALA A 284 2.44 -3.53 -14.70
C ALA A 284 2.23 -4.75 -15.58
N LYS A 285 2.83 -5.88 -15.21
CA LYS A 285 2.60 -7.12 -15.94
C LYS A 285 1.29 -7.75 -15.50
N PHE A 286 0.48 -8.17 -16.45
CA PHE A 286 -0.72 -8.94 -16.15
C PHE A 286 -0.58 -10.33 -16.77
N PRO A 287 -1.24 -11.33 -16.17
CA PRO A 287 -1.36 -12.62 -16.87
C PRO A 287 -2.23 -12.46 -18.12
N ILE A 288 -1.58 -12.34 -19.27
CA ILE A 288 -2.24 -12.08 -20.55
C ILE A 288 -3.50 -12.91 -20.80
N LYS A 289 -3.40 -14.22 -20.60
CA LYS A 289 -4.49 -15.12 -20.94
C LYS A 289 -5.71 -15.00 -20.01
N TRP A 290 -5.51 -14.38 -18.85
CA TRP A 290 -6.61 -14.20 -17.90
C TRP A 290 -7.14 -12.78 -17.97
N THR A 291 -6.38 -11.91 -18.62
CA THR A 291 -6.63 -10.48 -18.59
C THR A 291 -7.57 -10.03 -19.71
N ALA A 292 -8.62 -9.33 -19.31
CA ALA A 292 -9.59 -8.78 -20.27
C ALA A 292 -8.90 -7.85 -21.26
N PRO A 293 -9.42 -7.75 -22.48
CA PRO A 293 -8.77 -6.93 -23.51
C PRO A 293 -8.68 -5.45 -23.16
N GLU A 294 -9.67 -4.91 -22.45
CA GLU A 294 -9.60 -3.49 -22.08
C GLU A 294 -8.54 -3.28 -21.02
N SER A 295 -8.27 -4.31 -20.22
CA SER A 295 -7.22 -4.24 -19.22
C SER A 295 -5.85 -4.33 -19.88
N LEU A 296 -5.75 -5.17 -20.91
CA LEU A 296 -4.52 -5.29 -21.67
C LEU A 296 -4.20 -4.00 -22.40
N ALA A 297 -5.23 -3.38 -22.96
CA ALA A 297 -5.07 -2.22 -23.83
C ALA A 297 -4.93 -0.92 -23.06
N TYR A 298 -5.59 -0.83 -21.91
CA TYR A 298 -5.68 0.45 -21.21
C TYR A 298 -5.35 0.38 -19.73
N ASN A 299 -4.93 -0.80 -19.27
CA ASN A 299 -4.64 -1.02 -17.85
C ASN A 299 -5.83 -0.72 -16.94
N LYS A 300 -7.03 -0.83 -17.49
CA LYS A 300 -8.24 -0.54 -16.72
C LYS A 300 -8.93 -1.83 -16.30
N PHE A 301 -9.20 -1.96 -15.00
CA PHE A 301 -9.86 -3.13 -14.46
C PHE A 301 -11.21 -2.78 -13.84
N SER A 302 -12.28 -3.32 -14.40
CA SER A 302 -13.59 -3.20 -13.78
C SER A 302 -13.96 -4.55 -13.19
N ILE A 303 -15.13 -4.64 -12.58
CA ILE A 303 -15.62 -5.93 -12.12
C ILE A 303 -15.89 -6.81 -13.34
N LYS A 304 -16.13 -6.15 -14.47
CA LYS A 304 -16.34 -6.82 -15.75
C LYS A 304 -15.06 -7.51 -16.23
N SER A 305 -13.93 -6.87 -15.98
CA SER A 305 -12.64 -7.46 -16.32
C SER A 305 -12.46 -8.77 -15.55
N ASP A 306 -12.90 -8.71 -14.30
CA ASP A 306 -12.93 -9.90 -13.44
C ASP A 306 -13.91 -10.93 -13.95
N VAL A 307 -14.96 -10.47 -14.63
CA VAL A 307 -15.91 -11.41 -15.22
C VAL A 307 -15.25 -12.19 -16.35
N TRP A 308 -14.50 -11.46 -17.18
CA TRP A 308 -13.67 -12.09 -18.21
C TRP A 308 -12.73 -13.14 -17.59
N ALA A 309 -11.94 -12.69 -16.62
CA ALA A 309 -11.01 -13.56 -15.91
C ALA A 309 -11.71 -14.80 -15.37
N PHE A 310 -12.93 -14.62 -14.86
CA PHE A 310 -13.72 -15.72 -14.32
C PHE A 310 -14.11 -16.68 -15.43
N GLY A 311 -14.34 -16.14 -16.61
CA GLY A 311 -14.56 -16.99 -17.77
C GLY A 311 -13.37 -17.90 -17.99
N VAL A 312 -12.18 -17.29 -18.01
CA VAL A 312 -10.95 -18.07 -18.21
C VAL A 312 -10.78 -19.11 -17.10
N LEU A 313 -11.15 -18.75 -15.87
CA LEU A 313 -11.06 -19.64 -14.72
C LEU A 313 -12.01 -20.81 -14.86
N LEU A 314 -13.17 -20.53 -15.45
CA LEU A 314 -14.15 -21.57 -15.79
C LEU A 314 -13.54 -22.55 -16.76
N TRP A 315 -12.81 -22.02 -17.73
CA TRP A 315 -12.11 -22.87 -18.69
C TRP A 315 -11.08 -23.74 -17.96
N GLU A 316 -10.33 -23.13 -17.02
CA GLU A 316 -9.36 -23.87 -16.22
C GLU A 316 -10.00 -25.03 -15.45
N ILE A 317 -11.16 -24.76 -14.87
CA ILE A 317 -11.90 -25.75 -14.11
C ILE A 317 -12.38 -26.90 -14.99
N ALA A 318 -12.97 -26.53 -16.13
CA ALA A 318 -13.53 -27.51 -17.06
C ALA A 318 -12.46 -28.42 -17.66
N THR A 319 -11.25 -27.90 -17.79
CA THR A 319 -10.16 -28.65 -18.39
C THR A 319 -9.31 -29.34 -17.33
N TYR A 320 -9.75 -29.23 -16.09
CA TYR A 320 -9.00 -29.73 -14.93
C TYR A 320 -7.59 -29.14 -14.90
N GLY A 321 -7.49 -27.85 -15.21
CA GLY A 321 -6.25 -27.12 -15.04
C GLY A 321 -5.34 -27.03 -16.25
N MET A 322 -5.89 -27.11 -17.45
CA MET A 322 -5.09 -26.89 -18.65
C MET A 322 -4.70 -25.42 -18.77
N SER A 323 -3.53 -25.17 -19.33
CA SER A 323 -3.11 -23.80 -19.58
C SER A 323 -3.98 -23.21 -20.69
N PRO A 324 -4.57 -22.04 -20.43
CA PRO A 324 -5.50 -21.41 -21.38
C PRO A 324 -4.83 -21.09 -22.71
N TYR A 325 -5.63 -20.86 -23.75
CA TYR A 325 -5.14 -20.63 -25.11
C TYR A 325 -3.91 -21.47 -25.44
N PRO A 326 -4.04 -22.80 -25.29
CA PRO A 326 -2.88 -23.70 -25.25
C PRO A 326 -2.05 -23.72 -26.53
N GLY A 327 -0.77 -23.41 -26.41
CA GLY A 327 0.15 -23.43 -27.53
C GLY A 327 0.24 -22.09 -28.23
N ILE A 328 -0.75 -21.24 -27.99
CA ILE A 328 -0.84 -19.95 -28.68
C ILE A 328 0.14 -18.93 -28.11
N ASP A 329 1.00 -18.43 -28.99
CA ASP A 329 1.97 -17.38 -28.67
C ASP A 329 1.28 -16.21 -27.98
N LEU A 330 1.84 -15.77 -26.86
CA LEU A 330 1.25 -14.72 -26.03
C LEU A 330 1.05 -13.43 -26.82
N SER A 331 2.09 -13.03 -27.55
CA SER A 331 2.09 -11.80 -28.33
C SER A 331 0.84 -11.61 -29.18
N GLN A 332 0.29 -12.70 -29.69
CA GLN A 332 -0.81 -12.62 -30.65
C GLN A 332 -2.18 -12.72 -29.96
N VAL A 333 -2.19 -13.16 -28.70
CA VAL A 333 -3.42 -13.38 -27.93
C VAL A 333 -4.44 -12.25 -28.08
N TYR A 334 -4.09 -11.06 -27.58
CA TYR A 334 -4.96 -9.88 -27.71
C TYR A 334 -5.52 -9.75 -29.12
N GLU A 335 -4.63 -9.79 -30.11
CA GLU A 335 -5.02 -9.59 -31.50
C GLU A 335 -6.08 -10.61 -31.90
N LEU A 336 -5.87 -11.84 -31.48
CA LEU A 336 -6.83 -12.91 -31.72
C LEU A 336 -8.19 -12.60 -31.10
N LEU A 337 -8.19 -12.07 -29.88
CA LEU A 337 -9.43 -11.67 -29.22
C LEU A 337 -10.08 -10.50 -29.95
N GLU A 338 -9.27 -9.65 -30.58
CA GLU A 338 -9.81 -8.54 -31.37
C GLU A 338 -10.68 -9.06 -32.51
N LYS A 339 -10.23 -10.14 -33.12
CA LYS A 339 -10.90 -10.70 -34.28
C LYS A 339 -11.87 -11.80 -33.86
N ASP A 340 -12.30 -11.74 -32.61
CA ASP A 340 -13.34 -12.61 -32.05
C ASP A 340 -12.91 -14.07 -31.93
N TYR A 341 -11.63 -14.32 -31.72
CA TYR A 341 -11.23 -15.68 -31.37
C TYR A 341 -11.47 -15.92 -29.88
N ARG A 342 -12.14 -17.04 -29.59
CA ARG A 342 -12.34 -17.46 -28.21
C ARG A 342 -11.91 -18.91 -28.06
N MET A 343 -11.61 -19.32 -26.84
CA MET A 343 -11.24 -20.71 -26.59
C MET A 343 -12.41 -21.62 -26.87
N GLU A 344 -12.13 -22.76 -27.49
CA GLU A 344 -13.16 -23.73 -27.82
C GLU A 344 -13.75 -24.34 -26.56
N ARG A 345 -14.95 -24.88 -26.69
CA ARG A 345 -15.60 -25.60 -25.60
C ARG A 345 -14.78 -26.83 -25.25
N PRO A 346 -14.34 -26.91 -23.98
CA PRO A 346 -13.56 -28.07 -23.54
C PRO A 346 -14.34 -29.37 -23.65
N GLU A 347 -13.64 -30.49 -23.77
CA GLU A 347 -14.27 -31.81 -23.79
C GLU A 347 -15.13 -32.02 -22.56
N GLY A 348 -16.39 -32.41 -22.77
CA GLY A 348 -17.28 -32.73 -21.66
C GLY A 348 -17.79 -31.53 -20.89
N CYS A 349 -17.58 -30.33 -21.42
CA CYS A 349 -18.12 -29.13 -20.81
C CYS A 349 -19.54 -28.90 -21.30
N PRO A 350 -20.50 -28.75 -20.38
CA PRO A 350 -21.90 -28.55 -20.74
C PRO A 350 -22.05 -27.28 -21.58
N GLU A 351 -22.93 -27.29 -22.56
CA GLU A 351 -23.09 -26.15 -23.45
C GLU A 351 -23.54 -24.89 -22.69
N LYS A 352 -24.34 -25.07 -21.64
CA LYS A 352 -24.78 -23.92 -20.84
C LYS A 352 -23.57 -23.20 -20.24
N VAL A 353 -22.71 -23.98 -19.61
CA VAL A 353 -21.50 -23.46 -18.99
C VAL A 353 -20.59 -22.75 -19.99
N TYR A 354 -20.40 -23.37 -21.16
CA TYR A 354 -19.58 -22.77 -22.20
C TYR A 354 -20.19 -21.45 -22.68
N GLU A 355 -21.52 -21.44 -22.76
CA GLU A 355 -22.25 -20.23 -23.10
C GLU A 355 -21.95 -19.14 -22.10
N LEU A 356 -21.89 -19.52 -20.82
CA LEU A 356 -21.52 -18.56 -19.79
C LEU A 356 -20.07 -18.08 -19.98
N MET A 357 -19.19 -18.98 -20.38
CA MET A 357 -17.80 -18.61 -20.66
C MET A 357 -17.74 -17.54 -21.75
N ARG A 358 -18.45 -17.78 -22.84
CA ARG A 358 -18.47 -16.85 -23.97
C ARG A 358 -19.11 -15.53 -23.59
N ALA A 359 -20.11 -15.60 -22.73
CA ALA A 359 -20.77 -14.41 -22.20
C ALA A 359 -19.77 -13.57 -21.41
N CYS A 360 -18.89 -14.24 -20.69
CA CYS A 360 -17.85 -13.56 -19.94
C CYS A 360 -16.81 -12.94 -20.86
N TRP A 361 -16.67 -13.51 -22.06
CA TRP A 361 -15.65 -13.06 -22.99
C TRP A 361 -16.20 -12.13 -24.07
N GLN A 362 -17.31 -11.47 -23.77
CA GLN A 362 -17.82 -10.43 -24.64
C GLN A 362 -16.77 -9.33 -24.75
N TRP A 363 -16.61 -8.78 -25.95
CA TRP A 363 -15.62 -7.72 -26.13
C TRP A 363 -16.01 -6.51 -25.29
N ASN A 364 -17.27 -6.09 -25.40
CA ASN A 364 -17.79 -5.03 -24.56
C ASN A 364 -17.90 -5.48 -23.11
N PRO A 365 -17.27 -4.75 -22.18
CA PRO A 365 -17.45 -5.01 -20.76
C PRO A 365 -18.93 -4.96 -20.37
N SER A 366 -19.65 -4.03 -20.98
CA SER A 366 -21.06 -3.80 -20.68
C SER A 366 -21.96 -4.97 -21.10
N ASP A 367 -21.45 -5.80 -22.01
CA ASP A 367 -22.25 -6.90 -22.54
C ASP A 367 -22.00 -8.20 -21.77
N ARG A 368 -20.98 -8.19 -20.92
CA ARG A 368 -20.69 -9.34 -20.06
C ARG A 368 -21.71 -9.35 -18.93
N PRO A 369 -22.07 -10.54 -18.44
CA PRO A 369 -23.03 -10.57 -17.34
C PRO A 369 -22.41 -10.12 -16.02
N SER A 370 -23.25 -9.81 -15.04
CA SER A 370 -22.75 -9.47 -13.72
C SER A 370 -22.44 -10.75 -12.97
N PHE A 371 -21.71 -10.65 -11.86
CA PHE A 371 -21.42 -11.84 -11.06
C PHE A 371 -22.65 -12.30 -10.31
N ALA A 372 -23.64 -11.42 -10.20
CA ALA A 372 -24.91 -11.79 -9.60
C ALA A 372 -25.65 -12.76 -10.53
N GLU A 373 -25.73 -12.36 -11.80
CA GLU A 373 -26.31 -13.19 -12.85
C GLU A 373 -25.58 -14.52 -12.95
N ILE A 374 -24.25 -14.44 -13.07
CA ILE A 374 -23.39 -15.63 -13.16
C ILE A 374 -23.59 -16.57 -11.99
N HIS A 375 -23.56 -16.01 -10.78
CA HIS A 375 -23.75 -16.82 -9.58
C HIS A 375 -25.14 -17.46 -9.54
N GLN A 376 -26.17 -16.72 -9.93
CA GLN A 376 -27.51 -17.29 -9.92
C GLN A 376 -27.58 -18.45 -10.92
N ALA A 377 -26.96 -18.24 -12.07
CA ALA A 377 -26.90 -19.27 -13.10
C ALA A 377 -26.25 -20.55 -12.59
N PHE A 378 -25.09 -20.41 -11.94
CA PHE A 378 -24.36 -21.58 -11.45
C PHE A 378 -25.06 -22.22 -10.25
N GLU A 379 -25.79 -21.41 -9.50
CA GLU A 379 -26.55 -21.88 -8.35
C GLU A 379 -27.64 -22.82 -8.85
N THR A 380 -28.36 -22.34 -9.86
CA THR A 380 -29.40 -23.12 -10.51
C THR A 380 -28.83 -24.41 -11.11
N MET A 381 -27.83 -24.28 -11.97
CA MET A 381 -27.21 -25.45 -12.61
C MET A 381 -26.76 -26.48 -11.59
N PHE A 382 -26.17 -26.00 -10.50
CA PHE A 382 -25.69 -26.88 -9.44
C PHE A 382 -26.82 -27.60 -8.74
N GLN A 383 -27.91 -26.89 -8.47
CA GLN A 383 -29.06 -27.54 -7.84
C GLN A 383 -29.66 -28.59 -8.76
N GLU A 384 -29.71 -28.28 -10.05
CA GLU A 384 -30.25 -29.22 -11.04
C GLU A 384 -29.38 -30.47 -11.14
N SER A 385 -28.06 -30.30 -11.16
CA SER A 385 -27.18 -31.45 -11.21
C SER A 385 -27.25 -32.22 -9.89
N SER A 386 -27.57 -31.51 -8.82
CA SER A 386 -27.70 -32.13 -7.51
C SER A 386 -28.93 -33.03 -7.44
N ILE A 387 -30.05 -32.58 -7.99
CA ILE A 387 -31.24 -33.41 -7.99
C ILE A 387 -31.12 -34.54 -9.00
N SER A 388 -30.43 -34.28 -10.10
CA SER A 388 -30.18 -35.33 -11.09
C SER A 388 -29.32 -36.42 -10.47
N ASP A 389 -28.33 -36.00 -9.71
CA ASP A 389 -27.40 -36.93 -9.06
C ASP A 389 -28.01 -37.51 -7.79
N ASN B 116 27.54 6.55 9.86
CA ASN B 116 28.32 6.11 8.70
C ASN B 116 27.59 5.01 7.95
N TYR B 117 26.79 4.23 8.68
CA TYR B 117 25.90 3.24 8.08
C TYR B 117 24.47 3.76 8.14
N ASP B 118 23.81 3.80 7.00
CA ASP B 118 22.40 4.13 6.97
C ASP B 118 21.68 3.19 6.02
N LYS B 119 20.55 2.67 6.48
CA LYS B 119 19.76 1.72 5.70
C LYS B 119 19.14 2.39 4.49
N TRP B 120 18.90 3.69 4.59
CA TRP B 120 18.26 4.43 3.51
C TRP B 120 19.23 4.74 2.38
N GLU B 121 20.52 4.79 2.71
CA GLU B 121 21.55 5.05 1.71
C GLU B 121 21.57 3.93 0.68
N MET B 122 21.36 4.30 -0.58
CA MET B 122 21.42 3.34 -1.68
C MET B 122 22.50 3.76 -2.67
N GLU B 123 23.00 2.80 -3.43
CA GLU B 123 24.02 3.08 -4.42
C GLU B 123 23.42 3.87 -5.58
N ARG B 124 24.12 4.92 -5.98
CA ARG B 124 23.66 5.81 -7.04
C ARG B 124 23.70 5.09 -8.39
N THR B 125 24.44 4.00 -8.44
CA THR B 125 24.51 3.15 -9.63
C THR B 125 23.12 2.66 -10.05
N ASP B 126 22.34 2.17 -9.10
CA ASP B 126 21.06 1.53 -9.40
C ASP B 126 19.99 2.50 -9.91
N ILE B 127 20.35 3.76 -10.08
CA ILE B 127 19.42 4.74 -10.62
C ILE B 127 19.86 5.27 -11.98
N THR B 128 18.98 5.12 -12.97
CA THR B 128 19.18 5.75 -14.25
C THR B 128 18.18 6.90 -14.39
N MET B 129 18.66 8.07 -14.77
CA MET B 129 17.78 9.21 -14.99
C MET B 129 17.12 9.10 -16.36
N LYS B 130 15.83 9.43 -16.40
CA LYS B 130 15.12 9.49 -17.67
C LYS B 130 14.90 10.93 -18.11
N HIS B 131 14.11 11.67 -17.34
CA HIS B 131 13.62 12.97 -17.80
C HIS B 131 13.48 14.03 -16.71
N LYS B 132 13.92 15.25 -16.96
CA LYS B 132 13.77 16.31 -15.97
C LYS B 132 12.30 16.72 -15.86
N LEU B 133 11.88 17.15 -14.68
CA LEU B 133 10.48 17.47 -14.45
C LEU B 133 10.26 18.87 -13.88
N GLY B 134 11.32 19.46 -13.32
CA GLY B 134 11.23 20.82 -12.82
C GLY B 134 12.34 21.20 -11.86
N GLY B 135 12.02 22.02 -10.87
CA GLY B 135 12.99 22.48 -9.90
C GLY B 135 12.51 23.71 -9.15
N GLU B 140 15.56 20.78 -8.18
CA GLU B 140 15.66 20.04 -9.43
C GLU B 140 15.14 18.62 -9.26
N VAL B 141 14.15 18.24 -10.07
CA VAL B 141 13.49 16.95 -9.91
C VAL B 141 13.47 16.15 -11.22
N TYR B 142 13.78 14.87 -11.14
CA TYR B 142 13.83 14.01 -12.31
C TYR B 142 12.94 12.77 -12.18
N GLU B 143 12.47 12.28 -13.32
CA GLU B 143 11.91 10.95 -13.43
C GLU B 143 13.05 10.01 -13.79
N GLY B 144 13.28 9.03 -12.93
CA GLY B 144 14.34 8.07 -13.15
C GLY B 144 13.87 6.65 -12.97
N VAL B 145 14.79 5.70 -13.08
CA VAL B 145 14.44 4.29 -12.91
C VAL B 145 15.35 3.58 -11.92
N TRP B 146 14.77 3.08 -10.84
CA TRP B 146 15.47 2.14 -9.99
C TRP B 146 15.53 0.83 -10.77
N LYS B 147 16.71 0.51 -11.27
CA LYS B 147 16.91 -0.59 -12.22
C LYS B 147 16.69 -1.95 -11.60
N LYS B 148 17.15 -2.13 -10.36
CA LYS B 148 17.01 -3.39 -9.65
C LYS B 148 15.55 -3.84 -9.60
N TYR B 149 14.66 -2.89 -9.35
CA TYR B 149 13.26 -3.21 -9.19
C TYR B 149 12.44 -2.81 -10.40
N SER B 150 13.10 -2.38 -11.47
CA SER B 150 12.43 -1.90 -12.67
C SER B 150 11.34 -0.88 -12.34
N LEU B 151 11.62 0.00 -11.39
CA LEU B 151 10.58 0.87 -10.84
C LEU B 151 10.83 2.33 -11.20
N THR B 152 9.81 3.00 -11.71
CA THR B 152 9.94 4.43 -11.98
C THR B 152 9.92 5.18 -10.65
N VAL B 153 10.90 6.05 -10.46
CA VAL B 153 11.03 6.80 -9.22
C VAL B 153 11.22 8.28 -9.49
N ALA B 154 11.00 9.10 -8.46
CA ALA B 154 11.28 10.52 -8.55
C ALA B 154 12.56 10.85 -7.79
N VAL B 155 13.40 11.68 -8.38
CA VAL B 155 14.70 11.99 -7.77
C VAL B 155 14.95 13.48 -7.65
N LYS B 156 15.01 13.97 -6.42
CA LYS B 156 15.33 15.37 -6.17
C LYS B 156 16.83 15.51 -5.98
N THR B 157 17.40 16.61 -6.48
CA THR B 157 18.84 16.82 -6.43
C THR B 157 19.21 18.28 -6.21
N LEU B 158 20.51 18.56 -6.14
CA LEU B 158 20.99 19.94 -6.05
C LEU B 158 22.38 20.18 -6.65
N LYS B 159 22.62 21.41 -7.06
CA LYS B 159 23.91 21.86 -7.57
C LYS B 159 24.99 21.70 -6.50
N GLU B 160 26.20 21.34 -6.90
CA GLU B 160 27.27 21.12 -5.92
C GLU B 160 27.76 22.43 -5.31
N ASP B 161 27.32 23.54 -5.90
CA ASP B 161 27.53 24.85 -5.31
C ASP B 161 26.20 25.39 -4.77
N THR B 162 25.88 25.05 -3.53
CA THR B 162 24.67 25.56 -2.89
C THR B 162 24.81 25.57 -1.38
N MET B 163 24.11 26.50 -0.74
CA MET B 163 24.10 26.56 0.71
C MET B 163 22.90 25.81 1.27
N GLU B 164 22.09 25.24 0.38
CA GLU B 164 20.89 24.53 0.77
C GLU B 164 21.15 23.05 1.06
N VAL B 165 22.43 22.69 1.12
CA VAL B 165 22.82 21.32 1.39
C VAL B 165 22.29 20.87 2.74
N GLU B 166 22.44 21.74 3.73
CA GLU B 166 22.06 21.43 5.10
C GLU B 166 20.57 21.11 5.19
N GLU B 167 19.76 21.96 4.58
CA GLU B 167 18.31 21.80 4.65
C GLU B 167 17.84 20.64 3.79
N PHE B 168 18.55 20.40 2.69
CA PHE B 168 18.31 19.24 1.84
C PHE B 168 18.42 17.97 2.68
N LEU B 169 19.53 17.87 3.42
CA LEU B 169 19.81 16.72 4.26
C LEU B 169 18.86 16.62 5.46
N LYS B 170 18.53 17.76 6.04
CA LYS B 170 17.55 17.81 7.13
C LYS B 170 16.22 17.22 6.68
N GLU B 171 15.75 17.66 5.51
CA GLU B 171 14.50 17.17 4.98
C GLU B 171 14.57 15.69 4.64
N ALA B 172 15.71 15.23 4.11
CA ALA B 172 15.89 13.79 3.90
C ALA B 172 15.67 13.02 5.20
N ALA B 173 16.39 13.46 6.23
CA ALA B 173 16.28 12.90 7.57
C ALA B 173 14.83 12.85 8.03
N VAL B 174 14.12 13.97 7.89
CA VAL B 174 12.71 14.03 8.24
C VAL B 174 11.91 12.99 7.51
N MET B 175 12.13 12.88 6.20
CA MET B 175 11.37 11.96 5.37
C MET B 175 11.62 10.52 5.76
N LYS B 176 12.77 10.25 6.37
CA LYS B 176 13.00 8.91 6.90
C LYS B 176 12.00 8.57 8.01
N GLU B 177 11.63 9.55 8.82
CA GLU B 177 10.71 9.31 9.93
C GLU B 177 9.26 9.19 9.45
N ILE B 178 9.00 9.70 8.25
CA ILE B 178 7.64 9.79 7.73
C ILE B 178 7.18 8.50 7.04
N LYS B 179 6.03 7.98 7.48
CA LYS B 179 5.41 6.82 6.84
C LYS B 179 3.89 6.92 6.88
N HIS B 180 3.29 7.21 5.73
CA HIS B 180 1.84 7.35 5.62
C HIS B 180 1.44 7.20 4.15
N PRO B 181 0.32 6.51 3.89
CA PRO B 181 -0.18 6.29 2.53
C PRO B 181 -0.30 7.57 1.71
N ASN B 182 -0.75 8.65 2.34
CA ASN B 182 -0.97 9.90 1.63
C ASN B 182 0.16 10.92 1.86
N LEU B 183 1.35 10.40 2.12
CA LEU B 183 2.56 11.20 2.14
C LEU B 183 3.56 10.53 1.20
N VAL B 184 4.17 11.32 0.32
CA VAL B 184 5.08 10.79 -0.69
C VAL B 184 6.20 9.96 -0.06
N GLN B 185 6.25 8.69 -0.42
CA GLN B 185 7.11 7.73 0.26
C GLN B 185 8.57 7.80 -0.16
N LEU B 186 9.44 8.00 0.82
CA LEU B 186 10.88 7.95 0.59
C LEU B 186 11.30 6.52 0.30
N LEU B 187 12.20 6.35 -0.67
CA LEU B 187 12.69 5.05 -1.06
C LEU B 187 14.18 4.89 -0.74
N GLY B 188 14.91 5.99 -0.90
CA GLY B 188 16.34 5.99 -0.65
C GLY B 188 16.99 7.34 -0.84
N VAL B 189 18.27 7.44 -0.49
CA VAL B 189 19.03 8.68 -0.65
C VAL B 189 20.44 8.41 -1.15
N CYS B 190 21.09 9.46 -1.65
CA CYS B 190 22.50 9.41 -2.03
C CYS B 190 23.22 10.61 -1.45
N THR B 191 23.61 10.51 -0.18
CA THR B 191 24.14 11.66 0.55
C THR B 191 25.60 11.49 0.95
N ARG B 192 26.41 10.93 0.07
CA ARG B 192 27.82 10.69 0.38
C ARG B 192 28.72 11.66 -0.35
N GLU B 193 28.35 11.98 -1.59
CA GLU B 193 29.04 13.01 -2.36
C GLU B 193 28.08 13.60 -3.39
N PRO B 194 28.30 14.86 -3.79
CA PRO B 194 27.47 15.50 -4.81
C PRO B 194 27.47 14.72 -6.13
N PRO B 195 26.33 14.72 -6.86
CA PRO B 195 25.10 15.41 -6.47
C PRO B 195 24.30 14.60 -5.46
N PHE B 196 23.70 15.26 -4.48
CA PHE B 196 22.93 14.57 -3.47
C PHE B 196 21.53 14.25 -3.97
N TYR B 197 21.15 12.98 -3.85
CA TYR B 197 19.84 12.52 -4.29
C TYR B 197 18.90 12.27 -3.13
N ILE B 198 17.63 12.63 -3.33
CA ILE B 198 16.56 12.06 -2.51
C ILE B 198 15.65 11.32 -3.47
N ILE B 199 15.51 10.02 -3.26
CA ILE B 199 14.66 9.21 -4.13
C ILE B 199 13.34 8.89 -3.44
N THR B 200 12.24 9.19 -4.13
CA THR B 200 10.92 8.84 -3.64
C THR B 200 10.18 8.05 -4.72
N GLU B 201 8.98 7.59 -4.37
CA GLU B 201 8.09 6.98 -5.35
C GLU B 201 7.73 8.02 -6.40
N PHE B 202 7.32 7.58 -7.58
CA PHE B 202 6.97 8.53 -8.63
C PHE B 202 5.45 8.69 -8.72
N MET B 203 4.97 9.89 -8.45
CA MET B 203 3.56 10.19 -8.61
C MET B 203 3.30 10.55 -10.08
N THR B 204 2.47 9.73 -10.72
CA THR B 204 2.33 9.74 -12.16
C THR B 204 1.91 11.08 -12.78
N TYR B 205 0.88 11.71 -12.20
CA TYR B 205 0.22 12.82 -12.86
C TYR B 205 0.71 14.21 -12.45
N GLY B 206 1.65 14.26 -11.51
CA GLY B 206 2.18 15.53 -11.06
C GLY B 206 1.31 16.18 -10.00
N ASN B 207 1.39 17.50 -9.90
CA ASN B 207 0.72 18.21 -8.81
C ASN B 207 -0.80 18.28 -8.98
N LEU B 208 -1.49 18.49 -7.87
CA LEU B 208 -2.95 18.46 -7.81
C LEU B 208 -3.59 19.68 -8.49
N LEU B 209 -2.88 20.80 -8.51
CA LEU B 209 -3.40 22.02 -9.14
C LEU B 209 -3.59 21.83 -10.63
N ASP B 210 -2.50 21.52 -11.33
CA ASP B 210 -2.53 21.27 -12.76
C ASP B 210 -3.45 20.10 -13.10
N TYR B 211 -3.47 19.10 -12.22
CA TYR B 211 -4.34 17.94 -12.39
C TYR B 211 -5.79 18.39 -12.46
N LEU B 212 -6.21 19.12 -11.43
CA LEU B 212 -7.57 19.65 -11.35
C LEU B 212 -7.91 20.54 -12.55
N ARG B 213 -6.97 21.40 -12.94
CA ARG B 213 -7.21 22.30 -14.06
C ARG B 213 -7.39 21.55 -15.37
N GLU B 214 -6.61 20.48 -15.55
CA GLU B 214 -6.62 19.75 -16.81
C GLU B 214 -7.56 18.55 -16.82
N CYS B 215 -8.13 18.23 -15.66
CA CYS B 215 -8.92 17.00 -15.50
C CYS B 215 -10.26 17.02 -16.22
N ASN B 216 -10.77 15.84 -16.54
CA ASN B 216 -12.15 15.65 -16.95
C ASN B 216 -13.01 15.69 -15.70
N ARG B 217 -13.85 16.71 -15.60
CA ARG B 217 -14.64 16.93 -14.38
C ARG B 217 -15.79 15.94 -14.26
N GLN B 218 -16.12 15.26 -15.34
CA GLN B 218 -17.13 14.20 -15.28
C GLN B 218 -16.50 12.99 -14.59
N GLU B 219 -15.20 12.81 -14.82
CA GLU B 219 -14.46 11.77 -14.12
C GLU B 219 -14.11 12.22 -12.71
N VAL B 220 -13.34 13.30 -12.62
CA VAL B 220 -13.02 13.91 -11.34
C VAL B 220 -14.20 14.76 -10.87
N ASN B 221 -15.23 14.10 -10.34
CA ASN B 221 -16.42 14.81 -9.88
C ASN B 221 -16.44 15.07 -8.37
N ALA B 222 -17.63 15.32 -7.85
CA ALA B 222 -17.82 15.73 -6.46
C ALA B 222 -17.26 14.71 -5.46
N VAL B 223 -17.66 13.45 -5.61
CA VAL B 223 -17.24 12.39 -4.70
C VAL B 223 -15.73 12.19 -4.77
N VAL B 224 -15.16 12.43 -5.95
CA VAL B 224 -13.71 12.33 -6.12
C VAL B 224 -13.00 13.46 -5.38
N LEU B 225 -13.57 14.66 -5.46
CA LEU B 225 -13.01 15.81 -4.74
C LEU B 225 -13.04 15.54 -3.24
N LEU B 226 -14.16 14.97 -2.80
CA LEU B 226 -14.35 14.57 -1.41
C LEU B 226 -13.27 13.56 -1.00
N TYR B 227 -13.01 12.61 -1.89
CA TYR B 227 -12.01 11.58 -1.68
C TYR B 227 -10.60 12.17 -1.53
N MET B 228 -10.25 13.10 -2.42
CA MET B 228 -8.95 13.74 -2.37
C MET B 228 -8.77 14.55 -1.08
N ALA B 229 -9.80 15.31 -0.71
CA ALA B 229 -9.78 16.07 0.54
C ALA B 229 -9.59 15.14 1.74
N THR B 230 -10.28 14.00 1.72
CA THR B 230 -10.17 13.01 2.78
C THR B 230 -8.75 12.49 2.90
N GLN B 231 -8.16 12.11 1.77
CA GLN B 231 -6.77 11.65 1.75
C GLN B 231 -5.82 12.67 2.36
N ILE B 232 -5.87 13.90 1.84
CA ILE B 232 -5.01 14.97 2.33
C ILE B 232 -5.17 15.17 3.84
N SER B 233 -6.41 15.21 4.30
CA SER B 233 -6.69 15.39 5.73
C SER B 233 -6.17 14.21 6.55
N SER B 234 -6.09 13.04 5.93
CA SER B 234 -5.50 11.89 6.60
C SER B 234 -4.02 12.14 6.81
N ALA B 235 -3.33 12.54 5.74
CA ALA B 235 -1.91 12.88 5.84
C ALA B 235 -1.65 13.93 6.92
N MET B 236 -2.47 14.98 6.91
CA MET B 236 -2.29 16.09 7.84
C MET B 236 -2.62 15.70 9.28
N GLU B 237 -3.57 14.80 9.46
CA GLU B 237 -3.86 14.29 10.80
C GLU B 237 -2.64 13.52 11.31
N TYR B 238 -2.07 12.70 10.43
CA TYR B 238 -0.84 11.99 10.74
C TYR B 238 0.26 12.93 11.19
N LEU B 239 0.49 14.00 10.43
CA LEU B 239 1.50 14.98 10.79
C LEU B 239 1.19 15.67 12.12
N GLU B 240 -0.08 15.94 12.36
CA GLU B 240 -0.56 16.56 13.59
C GLU B 240 -0.17 15.71 14.78
N LYS B 241 -0.43 14.41 14.66
CA LYS B 241 -0.09 13.44 15.69
C LYS B 241 1.42 13.39 15.94
N LYS B 242 2.20 13.45 14.87
CA LYS B 242 3.64 13.26 14.95
C LYS B 242 4.42 14.56 15.20
N ASN B 243 3.71 15.61 15.58
CA ASN B 243 4.31 16.91 15.88
C ASN B 243 5.12 17.49 14.72
N PHE B 244 4.59 17.35 13.51
CA PHE B 244 5.17 18.02 12.35
C PHE B 244 4.25 19.15 11.87
N ILE B 245 4.80 20.08 11.12
CA ILE B 245 4.00 21.07 10.41
C ILE B 245 4.49 21.16 8.97
N HIS B 246 3.59 21.46 8.04
CA HIS B 246 3.96 21.62 6.65
C HIS B 246 4.04 23.11 6.33
N ARG B 247 5.18 23.55 5.80
CA ARG B 247 5.42 24.98 5.65
C ARG B 247 4.70 25.58 4.45
N ASP B 248 4.48 24.79 3.42
CA ASP B 248 3.74 25.26 2.25
C ASP B 248 2.72 24.24 1.78
N LEU B 249 1.61 24.16 2.51
CA LEU B 249 0.53 23.26 2.15
C LEU B 249 -0.37 23.92 1.11
N ALA B 250 -0.36 23.37 -0.10
CA ALA B 250 -1.18 23.87 -1.19
C ALA B 250 -1.36 22.78 -2.24
N ALA B 251 -2.27 23.02 -3.19
CA ALA B 251 -2.55 22.05 -4.24
C ALA B 251 -1.31 21.75 -5.07
N ARG B 252 -0.46 22.76 -5.22
CA ARG B 252 0.77 22.61 -5.98
C ARG B 252 1.72 21.62 -5.33
N ASN B 253 1.62 21.51 -4.01
CA ASN B 253 2.50 20.62 -3.26
C ASN B 253 1.76 19.37 -2.81
N CYS B 254 0.71 19.03 -3.55
CA CYS B 254 0.08 17.72 -3.45
C CYS B 254 0.26 17.06 -4.82
N LEU B 255 0.67 15.80 -4.83
CA LEU B 255 0.92 15.08 -6.06
C LEU B 255 -0.13 13.99 -6.27
N VAL B 256 -0.41 13.69 -7.54
CA VAL B 256 -1.48 12.78 -7.89
C VAL B 256 -0.96 11.52 -8.58
N GLY B 257 -1.55 10.37 -8.25
CA GLY B 257 -1.26 9.12 -8.92
C GLY B 257 -2.56 8.56 -9.49
N GLU B 258 -2.51 7.31 -9.96
CA GLU B 258 -3.69 6.66 -10.53
C GLU B 258 -4.81 6.52 -9.50
N ASN B 259 -6.04 6.49 -10.01
CA ASN B 259 -7.23 6.32 -9.19
C ASN B 259 -7.37 7.42 -8.14
N HIS B 260 -7.07 8.64 -8.55
CA HIS B 260 -7.27 9.83 -7.72
C HIS B 260 -6.54 9.75 -6.39
N LEU B 261 -5.40 9.05 -6.40
CA LEU B 261 -4.52 8.96 -5.24
C LEU B 261 -3.84 10.30 -5.03
N VAL B 262 -3.94 10.86 -3.84
CA VAL B 262 -3.30 12.14 -3.56
C VAL B 262 -2.32 12.01 -2.40
N LYS B 263 -1.13 12.58 -2.55
CA LYS B 263 -0.13 12.56 -1.49
C LYS B 263 0.48 13.94 -1.28
N VAL B 264 0.69 14.32 -0.03
CA VAL B 264 1.32 15.61 0.26
C VAL B 264 2.83 15.51 0.08
N ALA B 265 3.43 16.51 -0.56
CA ALA B 265 4.87 16.54 -0.76
C ALA B 265 5.61 16.80 0.56
N ASP B 266 6.52 15.91 0.94
CA ASP B 266 7.13 16.00 2.27
C ASP B 266 8.43 16.80 2.36
N PHE B 267 8.72 17.66 1.39
CA PHE B 267 9.94 18.47 1.50
C PHE B 267 9.69 19.74 2.27
N GLY B 268 8.42 20.04 2.50
CA GLY B 268 8.03 21.25 3.17
C GLY B 268 7.80 21.02 4.64
N LEU B 269 8.24 19.86 5.12
CA LEU B 269 7.99 19.45 6.50
C LEU B 269 9.01 20.01 7.48
N SER B 270 8.52 20.41 8.66
CA SER B 270 9.38 20.79 9.77
C SER B 270 8.91 20.10 11.04
N ARG B 271 9.85 19.56 11.80
CA ARG B 271 9.53 18.89 13.05
C ARG B 271 9.45 19.89 14.19
N LEU B 272 8.43 19.75 15.03
CA LEU B 272 8.29 20.59 16.21
C LEU B 272 9.03 19.96 17.39
N MET B 273 10.26 20.41 17.61
CA MET B 273 11.09 19.88 18.68
C MET B 273 10.55 20.30 20.05
N THR B 274 10.20 21.57 20.16
CA THR B 274 9.59 22.09 21.38
C THR B 274 8.30 22.84 21.04
N GLY B 275 7.32 22.74 21.94
CA GLY B 275 6.06 23.45 21.78
C GLY B 275 5.30 23.11 20.51
N ASP B 276 4.42 24.02 20.11
CA ASP B 276 3.55 23.80 18.96
C ASP B 276 3.75 24.83 17.85
N THR B 277 4.86 25.57 17.90
CA THR B 277 5.03 26.69 16.99
C THR B 277 6.40 26.78 16.33
N TYR B 278 6.42 26.62 15.01
CA TYR B 278 7.64 26.76 14.22
C TYR B 278 7.80 28.19 13.74
N THR B 279 8.90 28.84 14.08
CA THR B 279 9.15 30.18 13.57
C THR B 279 9.99 30.11 12.30
N ALA B 280 9.41 30.57 11.20
CA ALA B 280 10.12 30.56 9.92
C ALA B 280 11.25 31.57 9.95
N HIS B 281 12.31 31.29 9.20
CA HIS B 281 13.47 32.18 9.13
C HIS B 281 13.07 33.61 8.80
N ALA B 282 13.81 34.56 9.36
CA ALA B 282 13.52 35.98 9.17
C ALA B 282 13.54 36.37 7.70
N GLY B 283 12.54 37.16 7.30
CA GLY B 283 12.45 37.64 5.93
C GLY B 283 12.18 36.54 4.93
N ALA B 284 11.29 35.61 5.30
CA ALA B 284 10.97 34.50 4.41
C ALA B 284 9.70 34.79 3.63
N LYS B 285 9.73 34.46 2.34
CA LYS B 285 8.57 34.62 1.49
C LYS B 285 7.59 33.47 1.76
N PHE B 286 6.31 33.80 1.78
CA PHE B 286 5.28 32.79 1.98
C PHE B 286 4.04 33.12 1.16
N PRO B 287 3.39 32.10 0.60
CA PRO B 287 2.19 32.30 -0.21
C PRO B 287 1.07 32.93 0.59
N ILE B 288 0.93 34.24 0.45
CA ILE B 288 0.01 35.05 1.23
C ILE B 288 -1.42 34.50 1.29
N LYS B 289 -1.93 34.02 0.16
CA LYS B 289 -3.30 33.55 0.11
C LYS B 289 -3.50 32.20 0.81
N TRP B 290 -2.42 31.46 1.01
CA TRP B 290 -2.50 30.18 1.70
C TRP B 290 -2.10 30.31 3.16
N THR B 291 -1.51 31.45 3.47
CA THR B 291 -0.87 31.67 4.77
C THR B 291 -1.84 32.21 5.81
N ALA B 292 -1.90 31.53 6.95
CA ALA B 292 -2.75 31.94 8.06
C ALA B 292 -2.36 33.34 8.52
N PRO B 293 -3.32 34.11 9.07
CA PRO B 293 -3.01 35.49 9.47
C PRO B 293 -1.95 35.60 10.57
N GLU B 294 -1.86 34.62 11.47
CA GLU B 294 -0.86 34.70 12.52
C GLU B 294 0.53 34.41 11.94
N SER B 295 0.55 33.66 10.85
CA SER B 295 1.80 33.38 10.16
C SER B 295 2.24 34.59 9.36
N LEU B 296 1.28 35.30 8.78
CA LEU B 296 1.56 36.53 8.06
C LEU B 296 2.06 37.61 9.00
N ALA B 297 1.46 37.67 10.17
CA ALA B 297 1.74 38.74 11.12
C ALA B 297 2.99 38.49 11.95
N TYR B 298 3.28 37.21 12.22
CA TYR B 298 4.31 36.88 13.18
C TYR B 298 5.27 35.80 12.72
N ASN B 299 5.13 35.35 11.48
CA ASN B 299 5.96 34.27 10.95
C ASN B 299 5.88 32.97 11.77
N LYS B 300 4.78 32.80 12.49
CA LYS B 300 4.59 31.62 13.34
C LYS B 300 3.66 30.61 12.68
N PHE B 301 4.14 29.37 12.57
CA PHE B 301 3.37 28.30 11.96
C PHE B 301 3.06 27.20 12.96
N SER B 302 1.77 27.02 13.25
CA SER B 302 1.34 25.88 14.05
C SER B 302 0.69 24.87 13.12
N ILE B 303 0.21 23.75 13.68
CA ILE B 303 -0.56 22.82 12.89
C ILE B 303 -1.88 23.49 12.50
N LYS B 304 -2.27 24.48 13.30
CA LYS B 304 -3.46 25.27 13.05
C LYS B 304 -3.29 26.14 11.80
N SER B 305 -2.08 26.65 11.62
CA SER B 305 -1.76 27.43 10.42
C SER B 305 -1.96 26.55 9.19
N ASP B 306 -1.54 25.30 9.33
CA ASP B 306 -1.74 24.29 8.31
C ASP B 306 -3.21 23.97 8.11
N VAL B 307 -4.01 24.13 9.16
CA VAL B 307 -5.44 23.91 9.06
C VAL B 307 -6.05 25.00 8.18
N TRP B 308 -5.64 26.24 8.41
CA TRP B 308 -6.01 27.35 7.55
C TRP B 308 -5.64 27.06 6.08
N ALA B 309 -4.36 26.76 5.87
CA ALA B 309 -3.85 26.43 4.54
C ALA B 309 -4.69 25.33 3.89
N PHE B 310 -5.11 24.35 4.69
CA PHE B 310 -5.93 23.24 4.20
C PHE B 310 -7.30 23.73 3.80
N GLY B 311 -7.80 24.75 4.50
CA GLY B 311 -9.03 25.38 4.10
C GLY B 311 -8.88 25.94 2.69
N VAL B 312 -7.81 26.70 2.49
CA VAL B 312 -7.56 27.29 1.17
C VAL B 312 -7.40 26.20 0.10
N LEU B 313 -6.77 25.09 0.48
CA LEU B 313 -6.57 23.96 -0.42
C LEU B 313 -7.91 23.33 -0.81
N LEU B 314 -8.83 23.29 0.16
CA LEU B 314 -10.19 22.85 -0.07
C LEU B 314 -10.84 23.74 -1.10
N TRP B 315 -10.58 25.04 -1.00
CA TRP B 315 -11.08 25.99 -1.99
C TRP B 315 -10.53 25.66 -3.38
N GLU B 316 -9.22 25.41 -3.45
CA GLU B 316 -8.57 25.05 -4.70
C GLU B 316 -9.22 23.82 -5.33
N ILE B 317 -9.50 22.83 -4.49
CA ILE B 317 -10.11 21.58 -4.95
C ILE B 317 -11.53 21.80 -5.48
N ALA B 318 -12.32 22.54 -4.71
CA ALA B 318 -13.72 22.82 -5.07
C ALA B 318 -13.84 23.62 -6.36
N THR B 319 -12.84 24.46 -6.63
CA THR B 319 -12.88 25.32 -7.81
C THR B 319 -12.14 24.72 -8.98
N TYR B 320 -11.68 23.48 -8.80
CA TYR B 320 -10.86 22.79 -9.78
C TYR B 320 -9.61 23.59 -10.13
N GLY B 321 -9.03 24.22 -9.11
CA GLY B 321 -7.73 24.85 -9.26
C GLY B 321 -7.72 26.34 -9.57
N MET B 322 -8.76 27.06 -9.14
CA MET B 322 -8.76 28.51 -9.29
C MET B 322 -7.78 29.15 -8.31
N SER B 323 -7.21 30.29 -8.71
CA SER B 323 -6.38 31.04 -7.77
C SER B 323 -7.25 31.59 -6.67
N PRO B 324 -6.83 31.39 -5.41
CA PRO B 324 -7.58 31.86 -4.24
C PRO B 324 -7.72 33.37 -4.24
N TYR B 325 -8.69 33.90 -3.47
CA TYR B 325 -8.96 35.34 -3.42
C TYR B 325 -8.80 36.02 -4.78
N PRO B 326 -9.49 35.51 -5.80
CA PRO B 326 -9.21 35.88 -7.19
C PRO B 326 -9.47 37.35 -7.51
N GLY B 327 -8.45 38.03 -8.03
CA GLY B 327 -8.58 39.43 -8.41
C GLY B 327 -8.21 40.38 -7.29
N ILE B 328 -8.17 39.87 -6.07
CA ILE B 328 -7.91 40.68 -4.89
C ILE B 328 -6.43 40.97 -4.72
N ASP B 329 -6.08 42.26 -4.67
CA ASP B 329 -4.69 42.67 -4.48
C ASP B 329 -4.12 42.07 -3.21
N LEU B 330 -2.91 41.53 -3.31
CA LEU B 330 -2.27 40.83 -2.21
C LEU B 330 -2.15 41.71 -0.97
N SER B 331 -1.73 42.96 -1.19
CA SER B 331 -1.51 43.91 -0.11
C SER B 331 -2.68 43.99 0.87
N GLN B 332 -3.89 43.89 0.35
CA GLN B 332 -5.09 44.07 1.16
C GLN B 332 -5.52 42.79 1.88
N VAL B 333 -5.05 41.64 1.39
CA VAL B 333 -5.52 40.33 1.85
C VAL B 333 -5.64 40.21 3.36
N TYR B 334 -4.51 40.31 4.07
CA TYR B 334 -4.52 40.26 5.54
C TYR B 334 -5.61 41.14 6.12
N GLU B 335 -5.63 42.41 5.70
CA GLU B 335 -6.56 43.39 6.26
C GLU B 335 -8.02 42.96 6.05
N LEU B 336 -8.28 42.28 4.94
CA LEU B 336 -9.61 41.75 4.65
C LEU B 336 -9.96 40.61 5.61
N LEU B 337 -8.99 39.75 5.89
CA LEU B 337 -9.20 38.63 6.81
C LEU B 337 -9.44 39.12 8.23
N GLU B 338 -8.75 40.18 8.61
CA GLU B 338 -8.90 40.78 9.94
C GLU B 338 -10.33 41.28 10.13
N LYS B 339 -10.89 41.81 9.06
CA LYS B 339 -12.25 42.35 9.07
C LYS B 339 -13.24 41.30 8.59
N ASP B 340 -12.91 40.04 8.84
CA ASP B 340 -13.82 38.90 8.67
C ASP B 340 -14.19 38.59 7.22
N TYR B 341 -13.40 39.03 6.25
CA TYR B 341 -13.66 38.62 4.88
C TYR B 341 -13.13 37.21 4.64
N ARG B 342 -13.98 36.36 4.10
CA ARG B 342 -13.59 35.02 3.70
C ARG B 342 -14.03 34.77 2.26
N MET B 343 -13.39 33.81 1.60
CA MET B 343 -13.76 33.47 0.24
C MET B 343 -15.17 32.91 0.20
N GLU B 344 -15.93 33.32 -0.81
CA GLU B 344 -17.30 32.83 -0.97
C GLU B 344 -17.31 31.34 -1.30
N ARG B 345 -18.41 30.68 -0.96
CA ARG B 345 -18.64 29.29 -1.30
C ARG B 345 -18.59 29.12 -2.81
N PRO B 346 -17.68 28.27 -3.30
CA PRO B 346 -17.56 28.00 -4.74
C PRO B 346 -18.83 27.38 -5.30
N GLU B 347 -19.07 27.57 -6.60
CA GLU B 347 -20.20 26.95 -7.28
C GLU B 347 -20.16 25.43 -7.11
N GLY B 348 -21.28 24.87 -6.67
CA GLY B 348 -21.40 23.42 -6.55
C GLY B 348 -20.68 22.80 -5.37
N CYS B 349 -20.19 23.64 -4.46
CA CYS B 349 -19.55 23.15 -3.25
C CYS B 349 -20.60 22.93 -2.17
N PRO B 350 -20.65 21.70 -1.61
CA PRO B 350 -21.64 21.37 -0.58
C PRO B 350 -21.51 22.29 0.62
N GLU B 351 -22.62 22.67 1.23
CA GLU B 351 -22.57 23.62 2.34
C GLU B 351 -21.77 23.09 3.52
N LYS B 352 -21.82 21.77 3.75
CA LYS B 352 -21.05 21.18 4.83
C LYS B 352 -19.56 21.44 4.64
N VAL B 353 -19.08 21.12 3.44
CA VAL B 353 -17.68 21.32 3.08
C VAL B 353 -17.25 22.78 3.25
N TYR B 354 -18.08 23.70 2.76
CA TYR B 354 -17.80 25.13 2.89
C TYR B 354 -17.73 25.53 4.36
N GLU B 355 -18.62 24.95 5.16
CA GLU B 355 -18.63 25.16 6.60
C GLU B 355 -17.30 24.74 7.19
N LEU B 356 -16.77 23.61 6.71
CA LEU B 356 -15.46 23.16 7.16
C LEU B 356 -14.37 24.15 6.74
N MET B 357 -14.52 24.71 5.54
CA MET B 357 -13.56 25.71 5.07
C MET B 357 -13.54 26.93 5.97
N ARG B 358 -14.73 27.41 6.33
CA ARG B 358 -14.85 28.56 7.22
C ARG B 358 -14.32 28.24 8.62
N ALA B 359 -14.51 27.00 9.03
CA ALA B 359 -14.00 26.54 10.32
C ALA B 359 -12.48 26.58 10.32
N CYS B 360 -11.89 26.25 9.17
CA CYS B 360 -10.44 26.31 9.03
C CYS B 360 -9.94 27.75 9.03
N TRP B 361 -10.81 28.68 8.63
CA TRP B 361 -10.42 30.07 8.51
C TRP B 361 -10.86 30.90 9.71
N GLN B 362 -11.00 30.26 10.86
CA GLN B 362 -11.27 30.98 12.09
C GLN B 362 -10.08 31.90 12.37
N TRP B 363 -10.35 33.12 12.82
CA TRP B 363 -9.29 34.08 13.11
C TRP B 363 -8.35 33.53 14.17
N ASN B 364 -8.93 33.08 15.28
CA ASN B 364 -8.16 32.47 16.35
C ASN B 364 -7.79 31.04 16.00
N PRO B 365 -6.49 30.72 16.05
CA PRO B 365 -6.00 29.37 15.76
C PRO B 365 -6.69 28.32 16.63
N SER B 366 -6.97 28.68 17.87
CA SER B 366 -7.55 27.76 18.84
C SER B 366 -8.98 27.37 18.48
N ASP B 367 -9.61 28.15 17.63
CA ASP B 367 -11.00 27.92 17.26
C ASP B 367 -11.12 27.11 15.98
N ARG B 368 -10.01 26.92 15.28
CA ARG B 368 -9.97 26.07 14.10
C ARG B 368 -10.02 24.62 14.55
N PRO B 369 -10.64 23.75 13.74
CA PRO B 369 -10.66 22.34 14.16
C PRO B 369 -9.30 21.67 13.99
N SER B 370 -9.13 20.52 14.64
CA SER B 370 -7.91 19.75 14.46
C SER B 370 -8.01 18.97 13.15
N PHE B 371 -6.90 18.43 12.68
CA PHE B 371 -6.93 17.63 11.47
C PHE B 371 -7.58 16.28 11.73
N ALA B 372 -7.67 15.91 13.00
CA ALA B 372 -8.38 14.71 13.39
C ALA B 372 -9.88 14.89 13.17
N GLU B 373 -10.39 16.01 13.68
CA GLU B 373 -11.78 16.38 13.49
C GLU B 373 -12.10 16.52 12.01
N ILE B 374 -11.27 17.29 11.31
CA ILE B 374 -11.42 17.51 9.87
C ILE B 374 -11.45 16.21 9.09
N HIS B 375 -10.47 15.34 9.36
CA HIS B 375 -10.40 14.06 8.69
C HIS B 375 -11.62 13.19 8.98
N GLN B 376 -12.08 13.17 10.23
CA GLN B 376 -13.24 12.37 10.57
C GLN B 376 -14.44 12.88 9.79
N ALA B 377 -14.59 14.21 9.76
CA ALA B 377 -15.67 14.86 9.03
C ALA B 377 -15.68 14.45 7.56
N PHE B 378 -14.53 14.53 6.90
CA PHE B 378 -14.44 14.18 5.48
C PHE B 378 -14.61 12.68 5.25
N GLU B 379 -14.24 11.89 6.24
CA GLU B 379 -14.38 10.44 6.16
C GLU B 379 -15.85 10.06 6.10
N THR B 380 -16.61 10.61 7.06
CA THR B 380 -18.04 10.37 7.07
C THR B 380 -18.74 10.95 5.85
N MET B 381 -18.40 12.18 5.49
CA MET B 381 -19.01 12.80 4.31
C MET B 381 -18.79 11.96 3.06
N PHE B 382 -17.56 11.46 2.92
CA PHE B 382 -17.19 10.63 1.79
C PHE B 382 -17.94 9.31 1.77
N GLN B 383 -18.08 8.68 2.94
CA GLN B 383 -18.85 7.44 3.02
C GLN B 383 -20.31 7.69 2.62
N GLU B 384 -20.85 8.79 3.10
CA GLU B 384 -22.23 9.17 2.80
C GLU B 384 -22.44 9.41 1.31
N SER B 385 -21.52 10.11 0.66
CA SER B 385 -21.60 10.30 -0.78
C SER B 385 -21.40 8.98 -1.52
N SER B 386 -20.62 8.08 -0.92
CA SER B 386 -20.38 6.77 -1.52
C SER B 386 -21.64 5.94 -1.51
N ILE B 387 -22.46 6.12 -0.48
CA ILE B 387 -23.75 5.44 -0.41
C ILE B 387 -24.64 5.92 -1.55
N SER B 388 -24.62 7.22 -1.80
CA SER B 388 -25.41 7.79 -2.88
C SER B 388 -24.71 7.62 -4.23
#